data_5V4K
#
_entry.id   5V4K
#
_cell.length_a   69.570
_cell.length_b   69.570
_cell.length_c   119.620
_cell.angle_alpha   90.00
_cell.angle_beta   90.00
_cell.angle_gamma   90.00
#
_symmetry.space_group_name_H-M   'P 43 21 2'
#
loop_
_entity.id
_entity.type
_entity.pdbx_description
1 polymer 'Microtubule-associated proteins 1A/1B light chain 3B,Microtubule-associated proteins 1A/1B light chain 3B,Microtubule-associated proteins 1A/1B light chain 3B'
2 non-polymer GLYCEROL
3 non-polymer 'SULFATE ION'
4 water water
#
_entity_poly.entity_id   1
_entity_poly.type   'polypeptide(L)'
_entity_poly.pdbx_seq_one_letter_code
;GSQESSENWEIIGSPSEKTFKQRRTFEQRVEDVRLIREQHPTKIPVIIERYKGEKQLPVLDKTKFLVPDHVNMSELIKII
RRRLQLNANQAFFLLVNGHSMVSVSTPISEVYESEKDEDGFLYMVYASQETF
;
_entity_poly.pdbx_strand_id   A,B
#
loop_
_chem_comp.id
_chem_comp.type
_chem_comp.name
_chem_comp.formula
GOL non-polymer GLYCEROL 'C3 H8 O3'
SO4 non-polymer 'SULFATE ION' 'O4 S -2'
#
# COMPACT_ATOMS: atom_id res chain seq x y z
N GLU A 7 11.85 -24.69 -7.27
CA GLU A 7 11.86 -24.97 -8.71
C GLU A 7 10.45 -25.21 -9.24
N ASN A 8 9.62 -24.17 -9.22
CA ASN A 8 8.23 -24.21 -9.69
C ASN A 8 7.34 -25.05 -8.78
N TRP A 9 7.76 -25.28 -7.54
CA TRP A 9 7.01 -26.11 -6.59
C TRP A 9 6.09 -25.24 -5.74
N GLU A 10 4.83 -25.64 -5.64
CA GLU A 10 3.86 -24.96 -4.80
C GLU A 10 3.91 -25.57 -3.40
N ILE A 11 4.35 -24.79 -2.42
CA ILE A 11 4.39 -25.25 -1.04
C ILE A 11 3.02 -25.01 -0.42
N ILE A 12 2.43 -26.06 0.13
CA ILE A 12 1.14 -25.95 0.79
C ILE A 12 1.36 -25.57 2.24
N GLY A 13 0.71 -24.49 2.67
CA GLY A 13 0.91 -23.99 4.02
C GLY A 13 0.28 -24.89 5.06
N SER A 14 0.82 -24.81 6.27
CA SER A 14 0.19 -25.45 7.40
C SER A 14 -1.22 -24.88 7.56
N PRO A 15 -2.28 -25.71 7.54
CA PRO A 15 -3.63 -25.17 7.71
C PRO A 15 -3.87 -24.51 9.05
N SER A 16 -2.92 -24.61 10.00
CA SER A 16 -3.13 -24.07 11.34
C SER A 16 -3.24 -22.56 11.33
N GLU A 17 -2.54 -21.87 10.42
CA GLU A 17 -2.48 -20.42 10.43
C GLU A 17 -3.64 -19.84 9.62
N LYS A 18 -4.78 -19.61 10.29
CA LYS A 18 -5.99 -19.12 9.63
C LYS A 18 -6.30 -17.72 10.11
N THR A 19 -6.01 -16.73 9.26
CA THR A 19 -6.35 -15.34 9.60
C THR A 19 -7.86 -15.16 9.72
N PHE A 20 -8.26 -14.04 10.34
CA PHE A 20 -9.68 -13.69 10.43
C PHE A 20 -10.35 -13.71 9.06
N LYS A 21 -9.65 -13.20 8.04
CA LYS A 21 -10.23 -13.14 6.70
C LYS A 21 -10.39 -14.53 6.12
N GLN A 22 -9.45 -15.43 6.40
CA GLN A 22 -9.54 -16.79 5.90
C GLN A 22 -10.60 -17.62 6.61
N ARG A 23 -11.01 -17.21 7.82
CA ARG A 23 -12.01 -17.96 8.58
C ARG A 23 -13.44 -17.58 8.23
N ARG A 24 -13.65 -16.52 7.46
CA ARG A 24 -14.99 -16.02 7.20
C ARG A 24 -15.20 -15.82 5.71
N THR A 25 -16.41 -16.10 5.24
CA THR A 25 -16.71 -15.89 3.83
C THR A 25 -16.79 -14.40 3.50
N PHE A 26 -16.71 -14.08 2.21
CA PHE A 26 -16.87 -12.69 1.78
C PHE A 26 -18.17 -12.11 2.30
N GLU A 27 -19.28 -12.82 2.07
CA GLU A 27 -20.57 -12.26 2.47
C GLU A 27 -20.68 -12.18 3.99
N GLN A 28 -20.08 -13.13 4.72
CA GLN A 28 -20.04 -13.03 6.17
C GLN A 28 -19.32 -11.75 6.62
N ARG A 29 -18.19 -11.44 5.99
CA ARG A 29 -17.46 -10.23 6.36
C ARG A 29 -18.23 -8.98 5.96
N VAL A 30 -18.77 -8.94 4.75
CA VAL A 30 -19.62 -7.81 4.35
C VAL A 30 -20.75 -7.60 5.35
N GLU A 31 -21.36 -8.70 5.81
CA GLU A 31 -22.48 -8.58 6.75
C GLU A 31 -22.01 -8.09 8.11
N ASP A 32 -20.87 -8.59 8.59
CA ASP A 32 -20.25 -8.06 9.81
C ASP A 32 -20.10 -6.54 9.74
N VAL A 33 -19.53 -6.05 8.64
CA VAL A 33 -19.29 -4.61 8.49
C VAL A 33 -20.61 -3.83 8.49
N ARG A 34 -21.62 -4.34 7.79
CA ARG A 34 -22.92 -3.64 7.76
C ARG A 34 -23.50 -3.50 9.16
N LEU A 35 -23.45 -4.58 9.96
CA LEU A 35 -23.96 -4.54 11.33
C LEU A 35 -23.22 -3.53 12.19
N ILE A 36 -21.90 -3.44 12.02
CA ILE A 36 -21.12 -2.50 12.83
C ILE A 36 -21.41 -1.07 12.42
N ARG A 37 -21.54 -0.80 11.13
CA ARG A 37 -21.89 0.54 10.68
C ARG A 37 -23.20 1.01 11.31
N GLU A 38 -24.16 0.09 11.47
CA GLU A 38 -25.46 0.50 12.03
C GLU A 38 -25.36 0.77 13.52
N GLN A 39 -24.64 -0.08 14.25
CA GLN A 39 -24.60 0.05 15.70
C GLN A 39 -23.58 1.08 16.15
N HIS A 40 -22.49 1.28 15.41
CA HIS A 40 -21.40 2.16 15.81
C HIS A 40 -21.00 3.04 14.63
N PRO A 41 -21.86 3.99 14.26
CA PRO A 41 -21.61 4.80 13.05
C PRO A 41 -20.35 5.63 13.10
N THR A 42 -19.84 5.96 14.29
CA THR A 42 -18.63 6.77 14.41
C THR A 42 -17.40 5.95 14.74
N LYS A 43 -17.41 4.66 14.48
CA LYS A 43 -16.25 3.84 14.77
C LYS A 43 -15.81 3.12 13.51
N ILE A 44 -14.53 2.78 13.45
CA ILE A 44 -13.95 2.10 12.29
C ILE A 44 -13.67 0.67 12.70
N PRO A 45 -14.12 -0.33 11.93
CA PRO A 45 -13.82 -1.73 12.27
C PRO A 45 -12.43 -2.11 11.76
N VAL A 46 -11.55 -2.50 12.68
CA VAL A 46 -10.16 -2.78 12.33
C VAL A 46 -9.81 -4.18 12.76
N ILE A 47 -9.25 -4.96 11.84
CA ILE A 47 -8.65 -6.25 12.17
C ILE A 47 -7.15 -6.04 12.41
N ILE A 48 -6.65 -6.49 13.56
CA ILE A 48 -5.25 -6.32 13.94
C ILE A 48 -4.70 -7.69 14.30
N GLU A 49 -3.74 -8.17 13.53
CA GLU A 49 -3.20 -9.51 13.70
C GLU A 49 -1.68 -9.44 13.69
N ARG A 50 -1.06 -10.46 14.29
CA ARG A 50 0.40 -10.51 14.33
C ARG A 50 0.94 -11.06 13.01
N TYR A 51 2.00 -10.44 12.51
CA TYR A 51 2.63 -10.89 11.27
C TYR A 51 2.93 -12.38 11.34
N LYS A 52 2.79 -13.05 10.19
CA LYS A 52 2.90 -14.50 10.14
C LYS A 52 4.18 -14.98 10.79
N GLY A 53 5.32 -14.47 10.35
CA GLY A 53 6.59 -14.98 10.86
C GLY A 53 7.20 -14.25 12.04
N GLU A 54 6.35 -13.74 12.95
CA GLU A 54 6.82 -12.88 14.02
C GLU A 54 7.17 -13.71 15.26
N LYS A 55 8.31 -13.42 15.86
CA LYS A 55 8.77 -14.11 17.06
C LYS A 55 9.07 -13.18 18.23
N GLN A 56 9.51 -11.95 17.96
CA GLN A 56 9.82 -11.03 19.05
C GLN A 56 8.57 -10.49 19.75
N LEU A 57 7.41 -10.47 19.06
CA LEU A 57 6.23 -9.89 19.68
C LEU A 57 5.19 -10.96 20.02
N PRO A 58 4.39 -10.75 21.07
CA PRO A 58 3.36 -11.74 21.42
C PRO A 58 2.05 -11.54 20.65
N VAL A 59 1.06 -12.43 20.86
CA VAL A 59 -0.25 -12.31 20.25
C VAL A 59 -1.18 -11.59 21.21
N LEU A 60 -2.12 -10.81 20.65
CA LEU A 60 -3.14 -10.18 21.46
C LEU A 60 -4.27 -11.15 21.77
N ASP A 61 -4.90 -10.97 22.93
CA ASP A 61 -6.13 -11.69 23.22
C ASP A 61 -7.16 -11.45 22.12
N LYS A 62 -7.35 -10.20 21.75
CA LYS A 62 -8.38 -9.81 20.79
C LYS A 62 -7.74 -9.47 19.44
N THR A 63 -8.51 -9.65 18.37
CA THR A 63 -8.09 -9.24 17.04
C THR A 63 -9.07 -8.30 16.35
N LYS A 64 -10.26 -8.10 16.91
CA LYS A 64 -11.32 -7.31 16.28
C LYS A 64 -11.55 -6.06 17.12
N PHE A 65 -11.27 -4.89 16.55
CA PHE A 65 -11.28 -3.65 17.30
C PHE A 65 -12.20 -2.62 16.64
N LEU A 66 -12.86 -1.83 17.48
CA LEU A 66 -13.68 -0.69 17.05
C LEU A 66 -12.96 0.56 17.48
N VAL A 67 -12.49 1.35 16.53
CA VAL A 67 -11.65 2.51 16.81
C VAL A 67 -12.45 3.78 16.53
N PRO A 68 -12.60 4.66 17.52
CA PRO A 68 -13.30 5.92 17.26
C PRO A 68 -12.65 6.64 16.09
N ASP A 69 -13.49 7.22 15.23
CA ASP A 69 -13.04 7.90 14.01
C ASP A 69 -11.88 8.85 14.24
N HIS A 70 -11.85 9.55 15.38
CA HIS A 70 -10.85 10.60 15.59
C HIS A 70 -9.45 10.06 15.89
N VAL A 71 -9.33 8.81 16.35
CA VAL A 71 -8.03 8.29 16.76
C VAL A 71 -7.10 8.24 15.57
N ASN A 72 -5.87 8.74 15.74
CA ASN A 72 -4.89 8.70 14.68
C ASN A 72 -3.96 7.50 14.85
N MET A 73 -3.07 7.29 13.87
CA MET A 73 -2.23 6.10 13.86
C MET A 73 -1.22 6.12 15.00
N SER A 74 -0.67 7.28 15.32
CA SER A 74 0.32 7.28 16.40
C SER A 74 -0.34 6.96 17.74
N GLU A 75 -1.58 7.41 17.95
CA GLU A 75 -2.30 7.00 19.15
C GLU A 75 -2.64 5.52 19.12
N LEU A 76 -3.10 5.01 17.97
CA LEU A 76 -3.40 3.58 17.87
C LEU A 76 -2.15 2.74 18.11
N ILE A 77 -1.02 3.15 17.52
CA ILE A 77 0.26 2.47 17.79
C ILE A 77 0.53 2.41 19.28
N LYS A 78 0.35 3.54 19.99
CA LYS A 78 0.61 3.58 21.43
C LYS A 78 -0.30 2.60 22.17
N ILE A 79 -1.55 2.52 21.74
CA ILE A 79 -2.52 1.64 22.37
C ILE A 79 -2.13 0.18 22.18
N ILE A 80 -1.74 -0.21 20.97
CA ILE A 80 -1.37 -1.59 20.71
C ILE A 80 -0.08 -1.94 21.44
N ARG A 81 0.90 -1.03 21.47
CA ARG A 81 2.14 -1.30 22.20
C ARG A 81 1.85 -1.57 23.67
N ARG A 82 0.96 -0.78 24.28
CA ARG A 82 0.60 -0.99 25.67
C ARG A 82 -0.13 -2.31 25.86
N ARG A 83 -1.02 -2.68 24.95
CA ARG A 83 -1.71 -3.96 25.11
C ARG A 83 -0.77 -5.15 24.90
N LEU A 84 0.21 -5.03 24.01
CA LEU A 84 1.26 -6.04 23.93
C LEU A 84 2.23 -5.99 25.11
N GLN A 85 2.10 -5.00 25.99
CA GLN A 85 2.99 -4.83 27.13
C GLN A 85 4.45 -4.74 26.69
N LEU A 86 4.70 -3.97 25.63
CA LEU A 86 6.05 -3.82 25.11
C LEU A 86 6.88 -2.90 25.99
N ASN A 87 8.16 -3.24 26.13
CA ASN A 87 9.11 -2.29 26.68
C ASN A 87 9.32 -1.15 25.68
N ALA A 88 9.60 0.03 26.21
CA ALA A 88 9.70 1.20 25.34
C ALA A 88 10.85 1.12 24.32
N ASN A 89 11.83 0.24 24.53
CA ASN A 89 12.92 0.08 23.57
C ASN A 89 12.65 -0.96 22.49
N GLN A 90 11.53 -1.68 22.53
CA GLN A 90 11.26 -2.71 21.53
CA GLN A 90 11.27 -2.70 21.52
C GLN A 90 10.77 -2.07 20.23
N ALA A 91 11.35 -2.50 19.11
CA ALA A 91 10.88 -2.08 17.80
C ALA A 91 9.48 -2.62 17.52
N PHE A 92 8.65 -1.82 16.87
CA PHE A 92 7.26 -2.20 16.60
C PHE A 92 6.75 -1.40 15.41
N PHE A 93 6.14 -2.10 14.44
CA PHE A 93 5.56 -1.47 13.27
C PHE A 93 4.14 -1.98 13.06
N LEU A 94 3.21 -1.07 12.80
CA LEU A 94 1.82 -1.42 12.55
C LEU A 94 1.60 -1.20 11.05
N LEU A 95 1.50 -2.30 10.30
CA LEU A 95 1.53 -2.27 8.85
C LEU A 95 0.13 -2.33 8.29
N VAL A 96 -0.19 -1.41 7.36
CA VAL A 96 -1.48 -1.33 6.70
C VAL A 96 -1.28 -1.66 5.23
N ASN A 97 -1.94 -2.72 4.77
CA ASN A 97 -1.72 -3.25 3.43
C ASN A 97 -0.22 -3.43 3.15
N GLY A 98 0.48 -3.93 4.16
CA GLY A 98 1.89 -4.25 4.01
C GLY A 98 2.87 -3.15 4.36
N HIS A 99 2.41 -1.94 4.70
CA HIS A 99 3.31 -0.81 4.83
C HIS A 99 2.93 0.06 6.00
N SER A 100 3.94 0.71 6.58
CA SER A 100 3.71 1.70 7.62
C SER A 100 3.02 2.92 7.05
N MET A 101 2.14 3.51 7.85
CA MET A 101 1.45 4.73 7.43
C MET A 101 2.39 5.92 7.56
N VAL A 102 2.42 6.76 6.53
CA VAL A 102 3.23 7.97 6.57
C VAL A 102 2.54 9.03 7.42
N SER A 103 1.22 9.14 7.30
CA SER A 103 0.43 10.14 8.00
C SER A 103 -0.03 9.55 9.33
N VAL A 104 0.61 9.97 10.42
CA VAL A 104 0.30 9.47 11.75
C VAL A 104 -0.55 10.43 12.56
N SER A 105 -0.87 11.61 12.02
CA SER A 105 -1.72 12.57 12.71
C SER A 105 -3.15 12.63 12.16
N THR A 106 -3.46 11.87 11.07
CA THR A 106 -4.80 11.94 10.48
C THR A 106 -5.74 10.95 11.15
N PRO A 107 -7.03 11.32 11.23
CA PRO A 107 -8.03 10.42 11.81
C PRO A 107 -8.05 9.10 11.08
N ILE A 108 -8.26 8.02 11.83
CA ILE A 108 -8.31 6.70 11.23
C ILE A 108 -9.48 6.57 10.26
N SER A 109 -10.54 7.37 10.43
CA SER A 109 -11.62 7.34 9.45
C SER A 109 -11.15 7.83 8.10
N GLU A 110 -10.18 8.73 8.08
CA GLU A 110 -9.58 9.14 6.81
C GLU A 110 -8.67 8.04 6.27
N VAL A 111 -7.86 7.42 7.14
CA VAL A 111 -7.06 6.26 6.72
C VAL A 111 -7.95 5.16 6.15
N TYR A 112 -9.08 4.90 6.81
CA TYR A 112 -10.02 3.87 6.37
C TYR A 112 -10.43 4.07 4.91
N GLU A 113 -10.68 5.31 4.48
CA GLU A 113 -11.24 5.49 3.15
C GLU A 113 -10.22 5.17 2.06
N SER A 114 -8.92 5.31 2.35
CA SER A 114 -7.88 4.97 1.39
C SER A 114 -7.47 3.52 1.45
N GLU A 115 -7.53 2.88 2.62
CA GLU A 115 -6.88 1.61 2.85
C GLU A 115 -7.81 0.43 3.14
N LYS A 116 -9.11 0.66 3.27
CA LYS A 116 -10.04 -0.41 3.61
C LYS A 116 -10.02 -1.52 2.54
N ASP A 117 -10.33 -2.73 2.98
CA ASP A 117 -10.50 -3.87 2.10
C ASP A 117 -11.85 -3.77 1.37
N GLU A 118 -11.98 -4.55 0.28
CA GLU A 118 -13.23 -4.69 -0.45
C GLU A 118 -14.39 -5.10 0.44
N ASP A 119 -14.11 -5.81 1.53
CA ASP A 119 -15.18 -6.30 2.38
C ASP A 119 -15.65 -5.25 3.39
N GLY A 120 -14.97 -4.11 3.47
CA GLY A 120 -15.32 -3.06 4.40
C GLY A 120 -14.47 -3.01 5.66
N PHE A 121 -13.64 -4.02 5.92
CA PHE A 121 -12.75 -4.00 7.06
C PHE A 121 -11.44 -3.27 6.75
N LEU A 122 -10.84 -2.70 7.79
CA LEU A 122 -9.48 -2.18 7.72
C LEU A 122 -8.55 -3.22 8.37
N TYR A 123 -7.63 -3.77 7.59
CA TYR A 123 -6.77 -4.85 8.05
C TYR A 123 -5.40 -4.29 8.41
N MET A 124 -4.88 -4.72 9.55
CA MET A 124 -3.54 -4.31 9.96
C MET A 124 -2.77 -5.51 10.50
N VAL A 125 -1.45 -5.43 10.36
CA VAL A 125 -0.53 -6.48 10.79
C VAL A 125 0.59 -5.80 11.55
N TYR A 126 0.97 -6.34 12.72
CA TYR A 126 2.10 -5.75 13.44
C TYR A 126 3.28 -6.71 13.44
N ALA A 127 4.48 -6.12 13.43
CA ALA A 127 5.72 -6.85 13.37
C ALA A 127 6.80 -6.03 14.04
N SER A 128 7.90 -6.68 14.35
CA SER A 128 9.06 -5.99 14.92
C SER A 128 10.00 -5.49 13.85
N GLN A 129 9.65 -5.69 12.58
CA GLN A 129 10.40 -5.18 11.44
C GLN A 129 9.41 -4.68 10.40
N GLU A 130 9.83 -3.67 9.64
CA GLU A 130 8.96 -3.03 8.67
C GLU A 130 8.83 -3.81 7.37
N THR A 131 9.14 -5.11 7.39
CA THR A 131 9.23 -5.95 6.19
C THR A 131 10.29 -5.41 5.23
N GLU B 7 2.70 -21.21 -48.62
CA GLU B 7 2.36 -19.86 -49.04
C GLU B 7 1.07 -19.35 -48.39
N ASN B 8 0.87 -19.72 -47.12
CA ASN B 8 -0.21 -19.16 -46.31
C ASN B 8 0.33 -17.95 -45.56
N TRP B 9 -0.51 -17.34 -44.73
CA TRP B 9 -0.13 -16.18 -43.94
C TRP B 9 0.25 -16.60 -42.53
N GLU B 10 1.40 -16.11 -42.06
CA GLU B 10 1.85 -16.40 -40.70
C GLU B 10 1.35 -15.27 -39.82
N ILE B 11 0.45 -15.60 -38.89
CA ILE B 11 -0.13 -14.61 -38.01
C ILE B 11 0.76 -14.46 -36.78
N ILE B 12 1.30 -13.27 -36.61
CA ILE B 12 2.12 -12.97 -35.45
C ILE B 12 1.23 -12.69 -34.25
N GLY B 13 1.55 -13.29 -33.12
CA GLY B 13 0.81 -13.01 -31.91
C GLY B 13 1.30 -11.74 -31.24
N SER B 14 0.40 -11.13 -30.46
CA SER B 14 0.77 -9.98 -29.65
C SER B 14 1.68 -10.42 -28.52
N PRO B 15 2.87 -9.84 -28.38
CA PRO B 15 3.70 -10.14 -27.20
C PRO B 15 2.94 -9.85 -25.92
N SER B 16 3.27 -10.61 -24.87
CA SER B 16 2.68 -10.36 -23.56
C SER B 16 2.97 -8.93 -23.12
N GLU B 17 1.96 -8.26 -22.59
CA GLU B 17 2.13 -6.91 -22.04
C GLU B 17 2.86 -7.02 -20.70
N LYS B 18 4.13 -6.65 -20.68
CA LYS B 18 4.97 -6.80 -19.50
C LYS B 18 5.23 -5.46 -18.84
N THR B 19 5.00 -5.39 -17.53
CA THR B 19 5.34 -4.21 -16.75
C THR B 19 6.86 -4.07 -16.62
N PHE B 20 7.26 -2.91 -16.07
CA PHE B 20 8.68 -2.63 -15.85
C PHE B 20 9.32 -3.72 -15.00
N LYS B 21 8.65 -4.10 -13.91
CA LYS B 21 9.19 -5.09 -12.98
C LYS B 21 9.30 -6.47 -13.64
N GLN B 22 8.37 -6.79 -14.55
CA GLN B 22 8.43 -8.06 -15.25
C GLN B 22 9.44 -8.07 -16.37
N ARG B 23 9.83 -6.90 -16.86
CA ARG B 23 10.77 -6.79 -17.96
C ARG B 23 12.22 -6.77 -17.52
N ARG B 24 12.48 -6.70 -16.21
CA ARG B 24 13.85 -6.64 -15.70
C ARG B 24 13.98 -7.54 -14.49
N THR B 25 15.13 -8.19 -14.37
CA THR B 25 15.37 -9.07 -13.23
C THR B 25 15.55 -8.24 -11.95
N PHE B 26 15.43 -8.93 -10.81
CA PHE B 26 15.60 -8.26 -9.53
C PHE B 26 16.98 -7.60 -9.44
N GLU B 27 18.03 -8.34 -9.79
CA GLU B 27 19.37 -7.77 -9.73
C GLU B 27 19.53 -6.60 -10.68
N GLN B 28 18.89 -6.67 -11.86
CA GLN B 28 18.92 -5.53 -12.78
C GLN B 28 18.29 -4.29 -12.16
N ARG B 29 17.18 -4.46 -11.45
CA ARG B 29 16.51 -3.31 -10.84
C ARG B 29 17.31 -2.76 -9.66
N VAL B 30 17.83 -3.63 -8.80
CA VAL B 30 18.65 -3.15 -7.69
C VAL B 30 19.84 -2.39 -8.24
N GLU B 31 20.42 -2.87 -9.34
CA GLU B 31 21.56 -2.18 -9.95
C GLU B 31 21.15 -0.82 -10.53
N ASP B 32 19.99 -0.75 -11.19
CA ASP B 32 19.48 0.54 -11.65
C ASP B 32 19.44 1.54 -10.50
N VAL B 33 18.81 1.14 -9.38
CA VAL B 33 18.61 2.04 -8.25
C VAL B 33 19.95 2.52 -7.70
N ARG B 34 20.92 1.61 -7.60
CA ARG B 34 22.22 1.98 -7.06
C ARG B 34 22.86 3.08 -7.91
N LEU B 35 22.87 2.90 -9.22
CA LEU B 35 23.44 3.90 -10.11
C LEU B 35 22.70 5.23 -10.01
N ILE B 36 21.37 5.17 -9.94
CA ILE B 36 20.56 6.37 -9.81
C ILE B 36 20.91 7.11 -8.52
N ARG B 37 20.90 6.39 -7.39
CA ARG B 37 21.25 6.99 -6.12
C ARG B 37 22.59 7.69 -6.19
N GLU B 38 23.58 7.05 -6.82
CA GLU B 38 24.92 7.63 -6.88
C GLU B 38 24.95 8.90 -7.72
N GLN B 39 24.18 8.95 -8.81
CA GLN B 39 24.21 10.08 -9.72
C GLN B 39 23.24 11.18 -9.33
N HIS B 40 22.10 10.85 -8.72
CA HIS B 40 21.08 11.83 -8.36
C HIS B 40 20.65 11.61 -6.92
N PRO B 41 21.50 11.98 -5.96
CA PRO B 41 21.24 11.58 -4.55
C PRO B 41 20.08 12.33 -3.89
N THR B 42 19.58 13.42 -4.48
CA THR B 42 18.43 14.12 -3.92
C THR B 42 17.14 13.84 -4.71
N LYS B 43 17.13 12.78 -5.52
CA LYS B 43 15.94 12.41 -6.25
C LYS B 43 15.50 11.00 -5.86
N ILE B 44 14.22 10.73 -6.10
CA ILE B 44 13.56 9.46 -5.77
C ILE B 44 13.23 8.76 -7.07
N PRO B 45 13.62 7.49 -7.25
CA PRO B 45 13.28 6.77 -8.50
C PRO B 45 11.86 6.23 -8.44
N VAL B 46 11.03 6.64 -9.37
CA VAL B 46 9.61 6.31 -9.34
C VAL B 46 9.21 5.70 -10.67
N ILE B 47 8.60 4.53 -10.61
CA ILE B 47 7.99 3.88 -11.76
C ILE B 47 6.50 4.22 -11.75
N ILE B 48 5.99 4.74 -12.86
CA ILE B 48 4.58 5.14 -12.96
C ILE B 48 4.01 4.50 -14.21
N GLU B 49 3.02 3.63 -14.03
CA GLU B 49 2.41 2.89 -15.13
C GLU B 49 0.89 3.00 -15.01
N ARG B 50 0.24 2.86 -16.16
CA ARG B 50 -1.22 2.85 -16.20
C ARG B 50 -1.74 1.52 -15.69
N TYR B 51 -2.82 1.57 -14.92
CA TYR B 51 -3.47 0.36 -14.41
C TYR B 51 -3.76 -0.62 -15.53
N LYS B 52 -3.60 -1.91 -15.24
CA LYS B 52 -3.71 -2.96 -16.23
C LYS B 52 -5.01 -2.83 -17.03
N GLY B 53 -6.14 -2.82 -16.33
CA GLY B 53 -7.41 -2.67 -17.02
C GLY B 53 -7.95 -1.26 -16.99
N GLU B 54 -7.27 -0.34 -17.66
CA GLU B 54 -7.67 1.06 -17.69
C GLU B 54 -8.06 1.46 -19.11
N LYS B 55 -9.22 2.11 -19.24
CA LYS B 55 -9.72 2.56 -20.54
C LYS B 55 -9.92 4.06 -20.64
N GLN B 56 -10.18 4.75 -19.52
CA GLN B 56 -10.53 6.17 -19.61
C GLN B 56 -9.30 7.07 -19.68
N LEU B 57 -8.13 6.60 -19.15
CA LEU B 57 -6.93 7.42 -19.23
C LEU B 57 -5.99 6.89 -20.31
N PRO B 58 -5.25 7.77 -20.97
CA PRO B 58 -4.30 7.32 -22.00
C PRO B 58 -3.00 6.83 -21.36
N VAL B 59 -2.04 6.45 -22.22
CA VAL B 59 -0.75 5.95 -21.78
C VAL B 59 0.23 7.11 -21.74
N LEU B 60 1.02 7.17 -20.67
CA LEU B 60 2.07 8.17 -20.57
C LEU B 60 3.19 7.86 -21.57
N ASP B 61 3.90 8.91 -21.97
CA ASP B 61 5.08 8.70 -22.81
C ASP B 61 6.17 7.96 -22.04
N LYS B 62 6.51 8.46 -20.86
CA LYS B 62 7.58 7.90 -20.06
C LYS B 62 7.01 7.07 -18.89
N THR B 63 7.83 6.14 -18.40
CA THR B 63 7.52 5.26 -17.28
C THR B 63 8.40 5.49 -16.06
N LYS B 64 9.69 5.77 -16.26
CA LYS B 64 10.65 5.87 -15.17
C LYS B 64 10.93 7.34 -14.90
N PHE B 65 10.72 7.77 -13.65
CA PHE B 65 10.77 9.18 -13.31
C PHE B 65 11.72 9.43 -12.14
N LEU B 66 12.46 10.53 -12.20
CA LEU B 66 13.29 10.99 -11.09
C LEU B 66 12.60 12.20 -10.50
N VAL B 67 12.17 12.09 -9.24
CA VAL B 67 11.33 13.09 -8.60
C VAL B 67 12.14 13.74 -7.48
N PRO B 68 12.31 15.06 -7.49
CA PRO B 68 13.02 15.71 -6.38
C PRO B 68 12.38 15.38 -5.04
N ASP B 69 13.23 15.17 -4.02
CA ASP B 69 12.79 14.75 -2.69
C ASP B 69 11.65 15.62 -2.15
N HIS B 70 11.73 16.94 -2.32
CA HIS B 70 10.76 17.83 -1.68
C HIS B 70 9.39 17.78 -2.33
N VAL B 71 9.28 17.26 -3.56
CA VAL B 71 7.98 17.21 -4.22
C VAL B 71 7.03 16.31 -3.44
N ASN B 72 5.77 16.76 -3.27
CA ASN B 72 4.75 15.98 -2.58
C ASN B 72 3.75 15.37 -3.57
N MET B 73 2.88 14.51 -3.05
CA MET B 73 1.99 13.75 -3.94
C MET B 73 1.00 14.66 -4.66
N SER B 74 0.55 15.73 -4.00
CA SER B 74 -0.34 16.66 -4.68
C SER B 74 0.35 17.29 -5.88
N GLU B 75 1.64 17.65 -5.72
CA GLU B 75 2.37 18.24 -6.84
C GLU B 75 2.60 17.23 -7.95
N LEU B 76 2.87 15.97 -7.58
CA LEU B 76 3.10 14.94 -8.59
C LEU B 76 1.83 14.64 -9.37
N ILE B 77 0.69 14.59 -8.67
CA ILE B 77 -0.59 14.40 -9.33
C ILE B 77 -0.83 15.49 -10.36
N LYS B 78 -0.62 16.75 -9.95
CA LYS B 78 -0.83 17.86 -10.88
C LYS B 78 0.09 17.73 -12.09
N ILE B 79 1.34 17.30 -11.86
CA ILE B 79 2.28 17.12 -12.97
C ILE B 79 1.84 15.98 -13.87
N ILE B 80 1.46 14.84 -13.29
CA ILE B 80 1.06 13.71 -14.14
C ILE B 80 -0.20 14.06 -14.91
N ARG B 81 -1.16 14.74 -14.27
CA ARG B 81 -2.40 15.10 -14.97
C ARG B 81 -2.12 15.99 -16.17
N ARG B 82 -1.17 16.93 -16.03
CA ARG B 82 -0.79 17.79 -17.15
C ARG B 82 -0.18 16.99 -18.29
N ARG B 83 0.76 16.09 -17.96
CA ARG B 83 1.41 15.32 -19.02
C ARG B 83 0.43 14.39 -19.74
N LEU B 84 -0.60 13.92 -19.02
CA LEU B 84 -1.68 13.14 -19.65
C LEU B 84 -2.69 14.02 -20.36
N GLN B 85 -2.68 15.33 -20.09
CA GLN B 85 -3.63 16.27 -20.67
C GLN B 85 -5.08 15.88 -20.38
N LEU B 86 -5.37 15.62 -19.11
CA LEU B 86 -6.73 15.37 -18.67
C LEU B 86 -7.50 16.69 -18.53
N ASN B 87 -8.79 16.63 -18.84
CA ASN B 87 -9.62 17.77 -18.48
C ASN B 87 -9.79 17.81 -16.97
N ALA B 88 -10.17 18.99 -16.48
CA ALA B 88 -10.26 19.23 -15.05
C ALA B 88 -11.26 18.32 -14.34
N ASN B 89 -12.26 17.81 -15.06
CA ASN B 89 -13.31 17.01 -14.41
C ASN B 89 -13.04 15.51 -14.45
N GLN B 90 -11.98 15.07 -15.12
CA GLN B 90 -11.71 13.64 -15.22
C GLN B 90 -11.20 13.10 -13.90
N ALA B 91 -11.75 11.97 -13.47
CA ALA B 91 -11.27 11.30 -12.27
C ALA B 91 -9.88 10.72 -12.51
N PHE B 92 -9.02 10.83 -11.51
CA PHE B 92 -7.65 10.36 -11.65
C PHE B 92 -7.16 10.02 -10.26
N PHE B 93 -6.57 8.84 -10.13
CA PHE B 93 -5.98 8.41 -8.87
C PHE B 93 -4.60 7.87 -9.15
N LEU B 94 -3.66 8.21 -8.27
CA LEU B 94 -2.28 7.77 -8.37
C LEU B 94 -2.03 6.86 -7.17
N LEU B 95 -1.92 5.57 -7.43
CA LEU B 95 -2.01 4.55 -6.40
C LEU B 95 -0.62 4.02 -6.07
N VAL B 96 -0.27 4.03 -4.80
CA VAL B 96 1.01 3.55 -4.31
C VAL B 96 0.76 2.24 -3.60
N ASN B 97 1.35 1.16 -4.12
CA ASN B 97 1.10 -0.19 -3.60
C ASN B 97 -0.40 -0.50 -3.59
N GLY B 98 -1.09 -0.06 -4.63
CA GLY B 98 -2.50 -0.34 -4.72
C GLY B 98 -3.42 0.65 -4.04
N HIS B 99 -2.90 1.66 -3.33
CA HIS B 99 -3.79 2.55 -2.60
C HIS B 99 -3.37 4.01 -2.73
N SER B 100 -4.37 4.88 -2.65
CA SER B 100 -4.13 6.32 -2.62
C SER B 100 -3.43 6.72 -1.33
N MET B 101 -2.59 7.76 -1.43
CA MET B 101 -1.91 8.27 -0.25
C MET B 101 -2.83 9.19 0.54
N VAL B 102 -2.82 9.03 1.87
CA VAL B 102 -3.52 9.98 2.73
C VAL B 102 -2.72 11.28 2.84
N SER B 103 -1.41 11.18 2.95
CA SER B 103 -0.52 12.33 3.18
C SER B 103 -0.06 12.85 1.83
N VAL B 104 -0.82 13.79 1.27
CA VAL B 104 -0.50 14.34 -0.04
C VAL B 104 0.36 15.59 0.03
N SER B 105 0.67 16.06 1.23
CA SER B 105 1.56 17.20 1.41
C SER B 105 2.95 16.81 1.91
N THR B 106 3.25 15.48 2.05
CA THR B 106 4.58 15.20 2.59
C THR B 106 5.58 14.97 1.47
N PRO B 107 6.85 15.29 1.69
CA PRO B 107 7.86 15.07 0.64
C PRO B 107 7.87 13.62 0.21
N ILE B 108 7.99 13.39 -1.10
CA ILE B 108 8.01 12.03 -1.60
C ILE B 108 9.18 11.23 -1.03
N SER B 109 10.25 11.89 -0.59
CA SER B 109 11.35 11.15 0.04
C SER B 109 10.91 10.50 1.34
N GLU B 110 9.95 11.11 2.03
CA GLU B 110 9.35 10.47 3.20
C GLU B 110 8.41 9.33 2.80
N VAL B 111 7.56 9.57 1.78
CA VAL B 111 6.74 8.49 1.21
C VAL B 111 7.60 7.30 0.81
N TYR B 112 8.70 7.58 0.11
CA TYR B 112 9.62 6.55 -0.33
C TYR B 112 9.99 5.58 0.79
N GLU B 113 10.34 6.09 1.96
CA GLU B 113 10.88 5.21 2.99
C GLU B 113 9.84 4.21 3.51
N SER B 114 8.55 4.53 3.40
CA SER B 114 7.53 3.61 3.86
C SER B 114 6.97 2.73 2.75
N GLU B 115 7.03 3.18 1.50
CA GLU B 115 6.32 2.51 0.41
C GLU B 115 7.24 1.89 -0.64
N LYS B 116 8.54 2.14 -0.57
CA LYS B 116 9.43 1.62 -1.61
C LYS B 116 9.34 0.11 -1.69
N ASP B 117 9.66 -0.41 -2.87
CA ASP B 117 9.78 -1.83 -3.12
C ASP B 117 11.10 -2.35 -2.55
N GLU B 118 11.20 -3.68 -2.41
CA GLU B 118 12.46 -4.28 -1.97
C GLU B 118 13.58 -4.03 -2.97
N ASP B 119 13.26 -3.79 -4.25
CA ASP B 119 14.31 -3.49 -5.22
C ASP B 119 14.78 -2.03 -5.18
N GLY B 120 14.18 -1.19 -4.33
CA GLY B 120 14.60 0.20 -4.21
C GLY B 120 13.78 1.18 -5.03
N PHE B 121 12.92 0.69 -5.92
CA PHE B 121 12.02 1.56 -6.67
C PHE B 121 10.77 1.86 -5.87
N LEU B 122 10.13 2.97 -6.19
CA LEU B 122 8.81 3.29 -5.70
C LEU B 122 7.84 3.15 -6.87
N TYR B 123 6.92 2.19 -6.78
CA TYR B 123 6.01 1.89 -7.88
C TYR B 123 4.68 2.59 -7.65
N MET B 124 4.17 3.21 -8.71
CA MET B 124 2.87 3.84 -8.70
C MET B 124 2.08 3.38 -9.92
N VAL B 125 0.76 3.34 -9.75
CA VAL B 125 -0.16 3.03 -10.83
C VAL B 125 -1.23 4.11 -10.85
N TYR B 126 -1.56 4.62 -12.03
CA TYR B 126 -2.65 5.58 -12.13
C TYR B 126 -3.86 4.96 -12.83
N ALA B 127 -5.03 5.44 -12.44
CA ALA B 127 -6.31 4.86 -12.86
C ALA B 127 -7.39 5.91 -12.64
N SER B 128 -8.54 5.69 -13.29
CA SER B 128 -9.69 6.57 -13.16
C SER B 128 -10.62 6.17 -12.02
N GLN B 129 -10.18 5.25 -11.18
CA GLN B 129 -10.92 4.78 -10.01
C GLN B 129 -9.93 4.23 -8.99
N GLU B 130 -10.41 4.02 -7.77
CA GLU B 130 -9.57 3.48 -6.70
C GLU B 130 -9.68 1.97 -6.56
C1 GOL C . -20.80 3.57 19.86
O1 GOL C . -20.98 3.41 21.26
C2 GOL C . -21.69 4.70 19.36
O2 GOL C . -22.70 4.17 18.54
C3 GOL C . -20.83 5.65 18.54
O3 GOL C . -20.73 5.14 17.23
S SO4 D . -7.73 1.39 25.38
O1 SO4 D . -6.79 0.54 26.13
O2 SO4 D . -7.10 2.66 25.05
O3 SO4 D . -8.93 1.64 26.16
O4 SO4 D . -8.10 0.69 24.15
C1 GOL E . 0.36 5.04 3.47
O1 GOL E . 1.66 5.21 4.00
C2 GOL E . -0.49 6.30 3.66
O2 GOL E . -0.94 6.82 2.44
C3 GOL E . 0.25 7.37 4.44
O3 GOL E . -0.35 8.62 4.18
S SO4 F . 20.65 15.62 -8.06
O1 SO4 F . 22.05 15.45 -8.46
O2 SO4 F . 20.43 14.99 -6.76
O3 SO4 F . 20.35 17.03 -7.95
O4 SO4 F . 19.80 15.01 -9.08
#